data_3NHN
#
_entry.id   3NHN
#
_cell.length_a   60.714
_cell.length_b   60.714
_cell.length_c   49.581
_cell.angle_alpha   90.000
_cell.angle_beta   90.000
_cell.angle_gamma   120.000
#
_symmetry.space_group_name_H-M   'P 31'
#
loop_
_entity.id
_entity.type
_entity.pdbx_description
1 polymer 'Tyrosine-protein kinase HCK'
2 water water
#
_entity_poly.entity_id   1
_entity_poly.type   'polypeptide(L)'
_entity_poly.pdbx_seq_one_letter_code
;GIREAGSEDIIVVALYDYEAIHHEDLSFQKGDQMVVLEESGEWWKARSLATRKEGYIPSNYVARVDSLETEEWFFKGISR
KDAERQLLAPGNMLGSFMIRDSETTKGSYSLSVRDYDPRQGDTVKHYKIRTLDNGGFYISPRSTFSTLQELVDHYKKGND
GLCQKLSVPCMSSKPQKPWEKDAWELEHHHHHH
;
_entity_poly.pdbx_strand_id   A
#
# COMPACT_ATOMS: atom_id res chain seq x y z
N ASP A 9 -4.01 11.00 14.39
CA ASP A 9 -4.25 11.80 13.19
C ASP A 9 -4.84 10.93 12.09
N ILE A 10 -5.51 11.57 11.13
CA ILE A 10 -5.97 10.88 9.93
C ILE A 10 -5.54 11.64 8.69
N ILE A 11 -4.69 11.02 7.88
CA ILE A 11 -4.25 11.65 6.64
C ILE A 11 -5.05 11.14 5.45
N VAL A 12 -5.65 12.07 4.72
CA VAL A 12 -6.44 11.74 3.54
C VAL A 12 -5.79 12.30 2.29
N VAL A 13 -6.20 11.76 1.15
CA VAL A 13 -5.79 12.30 -0.13
C VAL A 13 -7.05 12.51 -0.94
N ALA A 14 -7.14 13.64 -1.59
CA ALA A 14 -8.29 13.94 -2.40
C ALA A 14 -8.36 13.05 -3.63
N LEU A 15 -9.52 12.47 -3.87
CA LEU A 15 -9.74 11.63 -5.03
C LEU A 15 -10.14 12.44 -6.24
N TYR A 16 -10.77 13.58 -6.00
CA TYR A 16 -11.24 14.44 -7.05
C TYR A 16 -11.00 15.84 -6.59
N ASP A 17 -11.25 16.81 -7.46
CA ASP A 17 -11.20 18.23 -7.17
C ASP A 17 -12.48 18.71 -6.48
N TYR A 18 -12.36 19.71 -5.62
CA TYR A 18 -13.53 20.21 -4.92
C TYR A 18 -13.64 21.72 -4.95
N GLU A 19 -14.53 22.23 -5.81
CA GLU A 19 -14.81 23.66 -5.87
C GLU A 19 -15.79 24.01 -4.76
N ALA A 20 -15.27 24.59 -3.69
CA ALA A 20 -16.13 25.02 -2.58
C ALA A 20 -16.86 26.28 -2.98
N ILE A 21 -17.81 26.68 -2.14
CA ILE A 21 -18.60 27.87 -2.39
C ILE A 21 -18.64 28.69 -1.12
N HIS A 22 -18.50 28.01 0.03
CA HIS A 22 -18.74 28.63 1.33
C HIS A 22 -17.45 29.02 2.08
N HIS A 23 -17.54 30.13 2.83
CA HIS A 23 -16.49 30.59 3.74
C HIS A 23 -15.63 29.44 4.25
N GLU A 24 -16.23 28.56 5.07
CA GLU A 24 -15.48 27.50 5.76
C GLU A 24 -15.56 26.12 5.13
N ASP A 25 -15.58 26.06 3.81
CA ASP A 25 -15.49 24.78 3.11
C ASP A 25 -14.24 24.81 2.25
N LEU A 26 -13.31 23.91 2.56
CA LEU A 26 -11.99 23.86 1.94
C LEU A 26 -12.05 23.20 0.57
N SER A 27 -11.60 23.95 -0.44
CA SER A 27 -11.45 23.39 -1.77
C SER A 27 -10.20 22.54 -1.77
N PHE A 28 -9.94 21.87 -2.88
CA PHE A 28 -8.66 21.22 -3.04
C PHE A 28 -8.50 20.72 -4.46
N GLN A 29 -7.32 20.19 -4.73
CA GLN A 29 -7.03 19.60 -6.01
C GLN A 29 -6.90 18.10 -5.80
N LYS A 30 -7.26 17.33 -6.82
CA LYS A 30 -7.09 15.88 -6.83
C LYS A 30 -5.65 15.51 -6.49
N GLY A 31 -5.49 14.63 -5.50
CA GLY A 31 -4.16 14.24 -5.07
C GLY A 31 -3.69 14.99 -3.84
N ASP A 32 -4.24 16.16 -3.59
CA ASP A 32 -3.91 16.98 -2.44
C ASP A 32 -4.09 16.22 -1.14
N GLN A 33 -3.22 16.47 -0.17
CA GLN A 33 -3.30 15.80 1.11
C GLN A 33 -3.77 16.74 2.20
N MET A 34 -4.35 16.17 3.25
CA MET A 34 -5.08 16.95 4.24
C MET A 34 -5.20 16.20 5.57
N VAL A 35 -4.84 16.87 6.63
CA VAL A 35 -5.04 16.37 7.98
C VAL A 35 -6.51 16.52 8.38
N VAL A 36 -7.16 15.42 8.72
CA VAL A 36 -8.55 15.51 9.16
C VAL A 36 -8.68 15.81 10.64
N LEU A 37 -9.41 16.87 10.93
CA LEU A 37 -9.53 17.37 12.28
C LEU A 37 -10.75 16.83 12.98
N GLU A 38 -11.89 17.48 12.74
CA GLU A 38 -13.13 17.03 13.31
C GLU A 38 -13.90 16.28 12.25
N GLU A 39 -15.18 16.07 12.50
CA GLU A 39 -16.01 15.34 11.58
C GLU A 39 -17.44 15.73 11.84
N SER A 40 -18.08 16.36 10.87
CA SER A 40 -19.43 16.85 11.09
C SER A 40 -20.43 16.01 10.35
N GLY A 41 -20.52 14.76 10.75
CA GLY A 41 -21.32 13.77 10.06
C GLY A 41 -20.53 13.21 8.91
N GLU A 42 -20.97 13.56 7.71
CA GLU A 42 -20.34 13.13 6.48
C GLU A 42 -19.39 14.16 5.92
N TRP A 43 -19.36 15.33 6.51
CA TRP A 43 -18.38 16.33 6.15
C TRP A 43 -17.21 16.22 7.11
N TRP A 44 -16.02 15.99 6.58
CA TRP A 44 -14.83 16.00 7.39
C TRP A 44 -14.23 17.38 7.36
N LYS A 45 -13.91 17.90 8.54
CA LYS A 45 -13.22 19.15 8.61
C LYS A 45 -11.74 18.88 8.58
N ALA A 46 -11.07 19.43 7.58
CA ALA A 46 -9.65 19.15 7.40
C ALA A 46 -8.77 20.41 7.39
N ARG A 47 -7.45 20.20 7.30
CA ARG A 47 -6.48 21.31 7.20
C ARG A 47 -5.48 21.06 6.05
N SER A 48 -5.80 21.56 4.85
CA SER A 48 -5.01 21.27 3.64
C SER A 48 -3.50 21.36 3.82
N LEU A 49 -2.80 20.40 3.24
CA LEU A 49 -1.35 20.27 3.39
C LEU A 49 -0.56 21.11 2.41
N ALA A 50 -1.24 22.04 1.76
CA ALA A 50 -0.59 22.95 0.83
C ALA A 50 -0.90 24.37 1.26
N THR A 51 -2.17 24.73 1.14
CA THR A 51 -2.70 25.98 1.60
C THR A 51 -2.32 26.21 3.05
N ARG A 52 -2.59 25.22 3.89
CA ARG A 52 -2.40 25.31 5.31
C ARG A 52 -3.69 25.74 5.95
N LYS A 53 -4.67 26.02 5.11
CA LYS A 53 -5.94 26.59 5.54
C LYS A 53 -7.00 25.55 5.81
N GLU A 54 -7.94 25.88 6.68
CA GLU A 54 -8.93 24.95 7.15
C GLU A 54 -10.33 25.19 6.61
N GLY A 55 -11.08 24.11 6.47
CA GLY A 55 -12.43 24.16 5.94
C GLY A 55 -13.06 22.77 5.94
N TYR A 56 -14.36 22.69 5.75
CA TYR A 56 -15.06 21.41 5.76
C TYR A 56 -15.01 20.73 4.41
N ILE A 57 -14.89 19.41 4.39
CA ILE A 57 -14.85 18.69 3.13
C ILE A 57 -15.81 17.49 3.03
N PRO A 58 -16.03 17.02 1.78
CA PRO A 58 -16.81 15.82 1.50
C PRO A 58 -15.97 14.57 1.71
N SER A 59 -16.19 13.88 2.81
CA SER A 59 -15.44 12.69 3.13
C SER A 59 -15.30 11.77 1.93
N ASN A 60 -16.32 11.72 1.07
CA ASN A 60 -16.31 10.77 -0.04
C ASN A 60 -15.48 11.21 -1.25
N TYR A 61 -14.83 12.36 -1.14
CA TYR A 61 -13.96 12.84 -2.20
C TYR A 61 -12.52 12.49 -1.89
N VAL A 62 -12.28 12.09 -0.66
CA VAL A 62 -10.92 11.83 -0.18
C VAL A 62 -10.81 10.40 0.32
N ALA A 63 -9.59 9.98 0.64
CA ALA A 63 -9.36 8.65 1.16
C ALA A 63 -8.09 8.57 2.00
N ARG A 64 -8.21 7.99 3.19
CA ARG A 64 -7.08 7.81 4.11
C ARG A 64 -5.84 7.24 3.42
N VAL A 65 -4.67 7.40 4.01
CA VAL A 65 -3.42 6.95 3.40
C VAL A 65 -2.74 5.72 4.00
N ASP A 66 -2.38 5.78 5.27
CA ASP A 66 -1.72 4.63 5.91
C ASP A 66 -0.22 4.62 5.63
N SER A 67 0.15 5.09 4.45
CA SER A 67 1.51 4.98 3.92
C SER A 67 2.63 4.86 4.94
N LEU A 68 3.50 3.86 4.81
CA LEU A 68 3.31 2.66 3.96
C LEU A 68 3.16 2.79 2.44
N GLU A 69 2.35 3.74 2.02
CA GLU A 69 2.17 4.01 0.61
C GLU A 69 3.20 5.02 0.20
N THR A 70 4.18 5.21 1.07
CA THR A 70 5.36 5.98 0.73
C THR A 70 6.32 5.03 0.02
N GLU A 71 5.98 3.74 0.08
CA GLU A 71 6.83 2.68 -0.42
C GLU A 71 6.44 2.24 -1.83
N GLU A 72 7.42 2.14 -2.72
CA GLU A 72 7.15 1.69 -4.08
C GLU A 72 6.71 0.23 -4.14
N TRP A 73 6.87 -0.50 -3.03
CA TRP A 73 6.48 -1.91 -2.99
C TRP A 73 5.12 -2.19 -2.36
N PHE A 74 4.49 -1.18 -1.76
CA PHE A 74 3.14 -1.33 -1.24
C PHE A 74 2.07 -0.92 -2.24
N PHE A 75 1.18 -1.87 -2.53
CA PHE A 75 0.05 -1.62 -3.40
C PHE A 75 -1.22 -1.78 -2.58
N LYS A 76 -1.85 -0.66 -2.28
CA LYS A 76 -2.93 -0.62 -1.29
C LYS A 76 -4.26 -1.10 -1.84
N GLY A 77 -4.95 -1.92 -1.04
CA GLY A 77 -6.26 -2.42 -1.40
C GLY A 77 -6.27 -3.07 -2.77
N ILE A 78 -5.36 -4.02 -2.96
CA ILE A 78 -5.27 -4.71 -4.24
C ILE A 78 -5.60 -6.17 -4.02
N SER A 79 -6.44 -6.72 -4.91
CA SER A 79 -6.86 -8.09 -4.73
C SER A 79 -5.73 -9.05 -5.09
N ARG A 80 -5.84 -10.23 -4.56
CA ARG A 80 -4.89 -11.24 -4.82
C ARG A 80 -4.63 -11.37 -6.32
N LYS A 81 -5.68 -11.50 -7.11
CA LYS A 81 -5.56 -11.81 -8.54
C LYS A 81 -5.19 -10.63 -9.43
N ASP A 82 -5.59 -9.42 -9.00
CA ASP A 82 -5.14 -8.19 -9.63
C ASP A 82 -3.64 -8.06 -9.43
N ALA A 83 -3.18 -8.48 -8.25
CA ALA A 83 -1.76 -8.42 -7.88
C ALA A 83 -0.93 -9.26 -8.83
N GLU A 84 -1.50 -10.37 -9.27
CA GLU A 84 -0.86 -11.22 -10.26
C GLU A 84 -0.85 -10.52 -11.61
N ARG A 85 -1.99 -9.95 -12.00
CA ARG A 85 -2.08 -9.28 -13.29
C ARG A 85 -1.09 -8.14 -13.37
N GLN A 86 -0.76 -7.59 -12.21
CA GLN A 86 0.18 -6.50 -12.14
C GLN A 86 1.59 -6.93 -12.52
N LEU A 87 2.14 -7.89 -11.81
CA LEU A 87 3.51 -8.33 -12.03
C LEU A 87 3.67 -9.01 -13.38
N LEU A 88 2.66 -9.77 -13.79
CA LEU A 88 2.76 -10.50 -15.05
C LEU A 88 2.65 -9.55 -16.21
N ALA A 89 2.01 -8.41 -15.98
CA ALA A 89 1.93 -7.33 -16.96
C ALA A 89 3.32 -6.94 -17.44
N PRO A 90 3.44 -6.65 -18.74
CA PRO A 90 4.71 -6.19 -19.30
C PRO A 90 5.35 -5.12 -18.42
N GLY A 91 6.64 -4.88 -18.61
CA GLY A 91 7.35 -3.89 -17.82
C GLY A 91 8.10 -4.55 -16.68
N ASN A 92 7.59 -5.69 -16.23
CA ASN A 92 8.18 -6.37 -15.08
C ASN A 92 9.21 -7.42 -15.49
N MET A 93 9.89 -7.96 -14.50
CA MET A 93 10.79 -9.05 -14.71
C MET A 93 10.55 -10.14 -13.69
N LEU A 94 11.49 -11.05 -13.56
CA LEU A 94 11.40 -12.09 -12.55
C LEU A 94 11.98 -11.65 -11.22
N GLY A 95 11.29 -11.96 -10.15
CA GLY A 95 11.69 -11.46 -8.85
C GLY A 95 10.87 -10.23 -8.51
N SER A 96 10.41 -9.54 -9.55
CA SER A 96 9.52 -8.40 -9.34
C SER A 96 8.53 -8.76 -8.27
N PHE A 97 8.17 -7.78 -7.45
CA PHE A 97 7.49 -8.10 -6.23
C PHE A 97 6.64 -6.95 -5.72
N MET A 98 5.96 -7.21 -4.62
CA MET A 98 4.93 -6.34 -4.16
C MET A 98 4.41 -6.87 -2.84
N ILE A 99 3.88 -5.95 -2.05
CA ILE A 99 3.31 -6.20 -0.74
C ILE A 99 2.01 -5.41 -0.65
N ARG A 100 1.03 -5.91 0.09
CA ARG A 100 -0.33 -5.39 -0.01
C ARG A 100 -1.18 -5.73 1.20
N ASP A 101 -2.32 -5.04 1.35
CA ASP A 101 -3.29 -5.38 2.37
C ASP A 101 -3.81 -6.78 2.07
N SER A 102 -3.70 -7.66 3.05
CA SER A 102 -4.26 -8.99 2.95
C SER A 102 -5.76 -8.87 3.14
N GLU A 103 -6.49 -8.90 2.03
CA GLU A 103 -7.94 -8.83 2.07
C GLU A 103 -8.49 -10.00 2.89
N THR A 104 -7.68 -11.04 3.03
CA THR A 104 -8.06 -12.24 3.78
C THR A 104 -7.85 -12.04 5.28
N THR A 105 -7.19 -10.95 5.65
CA THR A 105 -6.99 -10.58 7.05
C THR A 105 -6.54 -9.11 7.11
N LYS A 106 -7.49 -8.21 7.34
CA LYS A 106 -7.18 -6.78 7.38
C LYS A 106 -6.07 -6.51 8.39
N GLY A 107 -5.22 -5.52 8.08
CA GLY A 107 -4.10 -5.17 8.94
C GLY A 107 -2.90 -6.08 8.75
N SER A 108 -3.11 -7.19 8.04
CA SER A 108 -2.06 -8.18 7.80
C SER A 108 -1.74 -8.23 6.31
N TYR A 109 -0.49 -8.50 5.97
CA TYR A 109 -0.03 -8.39 4.59
C TYR A 109 0.41 -9.69 3.94
N SER A 110 0.47 -9.68 2.61
CA SER A 110 1.00 -10.78 1.82
C SER A 110 2.03 -10.24 0.83
N LEU A 111 3.02 -11.04 0.50
CA LEU A 111 3.97 -10.67 -0.55
C LEU A 111 3.78 -11.52 -1.79
N SER A 112 3.57 -10.87 -2.92
CA SER A 112 3.48 -11.58 -4.20
C SER A 112 4.74 -11.33 -5.00
N VAL A 113 5.31 -12.41 -5.52
CA VAL A 113 6.61 -12.37 -6.19
C VAL A 113 6.43 -13.00 -7.57
N ARG A 114 7.04 -12.41 -8.60
CA ARG A 114 7.03 -13.05 -9.91
C ARG A 114 8.08 -14.18 -10.04
N ASP A 115 7.60 -15.38 -10.30
CA ASP A 115 8.42 -16.57 -10.41
C ASP A 115 8.47 -17.09 -11.82
N TYR A 116 8.66 -18.39 -11.98
CA TYR A 116 8.78 -19.00 -13.29
C TYR A 116 8.93 -20.51 -13.17
N ASP A 117 8.13 -21.26 -13.94
CA ASP A 117 8.36 -22.69 -14.10
C ASP A 117 8.36 -23.06 -15.57
N PRO A 118 9.39 -23.77 -16.04
CA PRO A 118 9.61 -24.06 -17.46
C PRO A 118 8.44 -24.82 -18.08
N ARG A 119 7.75 -25.59 -17.26
CA ARG A 119 6.60 -26.38 -17.71
C ARG A 119 5.41 -25.46 -18.00
N GLN A 120 5.49 -24.19 -17.60
CA GLN A 120 4.39 -23.25 -17.83
C GLN A 120 4.78 -21.79 -18.10
N GLY A 121 6.01 -21.41 -17.77
CA GLY A 121 6.47 -20.03 -17.95
C GLY A 121 6.30 -19.14 -16.73
N ASP A 122 6.10 -17.84 -16.97
CA ASP A 122 6.02 -16.84 -15.90
C ASP A 122 4.91 -17.09 -14.90
N THR A 123 5.29 -17.11 -13.62
CA THR A 123 4.42 -17.47 -12.53
C THR A 123 4.28 -16.30 -11.59
N VAL A 124 3.29 -16.36 -10.70
CA VAL A 124 3.30 -15.50 -9.52
C VAL A 124 3.13 -16.32 -8.24
N LYS A 125 3.94 -16.02 -7.23
CA LYS A 125 3.92 -16.76 -5.97
C LYS A 125 3.59 -15.84 -4.80
N HIS A 126 2.74 -16.34 -3.90
CA HIS A 126 2.22 -15.51 -2.82
C HIS A 126 2.69 -16.03 -1.48
N TYR A 127 3.09 -15.11 -0.60
CA TYR A 127 3.63 -15.52 0.67
C TYR A 127 2.94 -14.79 1.81
N LYS A 128 2.40 -15.55 2.75
CA LYS A 128 1.71 -14.97 3.88
C LYS A 128 2.70 -14.52 4.96
N ILE A 129 2.91 -13.22 5.00
CA ILE A 129 3.70 -12.58 6.04
C ILE A 129 2.86 -12.52 7.31
N ARG A 130 3.20 -13.38 8.28
CA ARG A 130 2.51 -13.32 9.56
C ARG A 130 3.18 -12.30 10.47
N THR A 131 2.42 -11.79 11.43
CA THR A 131 2.93 -10.86 12.42
C THR A 131 2.99 -11.53 13.78
N LEU A 132 3.88 -11.04 14.64
CA LEU A 132 4.05 -11.59 15.97
C LEU A 132 3.23 -10.81 16.98
N ASP A 133 2.80 -11.48 18.03
CA ASP A 133 2.16 -10.81 19.15
C ASP A 133 3.07 -9.66 19.59
N ASN A 134 4.35 -9.78 19.22
CA ASN A 134 5.37 -8.78 19.56
C ASN A 134 5.52 -7.63 18.55
N GLY A 135 4.84 -7.74 17.40
CA GLY A 135 4.73 -6.61 16.49
C GLY A 135 5.55 -6.64 15.21
N GLY A 136 6.56 -7.50 15.17
CA GLY A 136 7.40 -7.64 13.99
C GLY A 136 6.69 -8.42 12.90
N PHE A 137 7.47 -9.00 11.99
CA PHE A 137 6.93 -9.73 10.84
C PHE A 137 7.82 -10.92 10.50
N TYR A 138 7.24 -11.93 9.86
CA TYR A 138 8.04 -13.04 9.34
C TYR A 138 7.23 -13.78 8.32
N ILE A 139 7.91 -14.45 7.38
CA ILE A 139 7.25 -15.36 6.45
C ILE A 139 7.52 -16.79 6.86
N SER A 140 8.79 -17.10 7.11
CA SER A 140 9.14 -18.36 7.72
C SER A 140 9.56 -18.06 9.13
N PRO A 141 9.22 -18.96 10.07
CA PRO A 141 9.63 -18.84 11.48
C PRO A 141 11.13 -19.07 11.63
N ARG A 142 11.91 -18.58 10.66
CA ARG A 142 13.36 -18.65 10.70
C ARG A 142 13.93 -17.23 10.58
N SER A 143 13.12 -16.34 10.03
CA SER A 143 13.53 -14.95 9.83
C SER A 143 12.44 -13.96 10.22
N THR A 144 12.66 -13.30 11.35
CA THR A 144 11.76 -12.33 11.90
C THR A 144 12.35 -10.96 11.70
N PHE A 145 11.49 -10.01 11.38
CA PHE A 145 11.92 -8.64 11.12
C PHE A 145 11.04 -7.69 11.91
N SER A 146 11.59 -6.55 12.33
CA SER A 146 10.81 -5.59 13.06
C SER A 146 10.04 -4.66 12.10
N THR A 147 10.36 -4.75 10.81
CA THR A 147 9.73 -3.91 9.78
C THR A 147 9.64 -4.61 8.43
N LEU A 148 8.84 -4.04 7.54
CA LEU A 148 8.65 -4.61 6.22
C LEU A 148 9.83 -4.31 5.29
N GLN A 149 10.36 -3.09 5.35
CA GLN A 149 11.52 -2.77 4.54
C GLN A 149 12.59 -3.78 4.90
N GLU A 150 12.83 -3.87 6.20
CA GLU A 150 13.71 -4.88 6.77
C GLU A 150 13.45 -6.22 6.11
N LEU A 151 12.19 -6.61 6.01
CA LEU A 151 11.83 -7.87 5.36
C LEU A 151 12.23 -7.84 3.90
N VAL A 152 11.64 -6.93 3.16
CA VAL A 152 11.94 -6.74 1.77
C VAL A 152 13.44 -6.83 1.52
N ASP A 153 14.22 -6.17 2.37
CA ASP A 153 15.66 -6.11 2.20
C ASP A 153 16.35 -7.44 2.47
N HIS A 154 15.70 -8.30 3.25
CA HIS A 154 16.21 -9.65 3.48
C HIS A 154 16.18 -10.44 2.21
N TYR A 155 14.98 -10.70 1.72
CA TYR A 155 14.76 -11.55 0.56
C TYR A 155 15.23 -10.94 -0.75
N LYS A 156 15.81 -9.75 -0.67
CA LYS A 156 16.42 -9.11 -1.84
C LYS A 156 17.93 -9.35 -1.85
N LYS A 157 18.44 -9.93 -0.77
CA LYS A 157 19.81 -10.38 -0.69
C LYS A 157 19.91 -11.83 -1.13
N GLY A 158 18.79 -12.54 -1.07
CA GLY A 158 18.71 -13.93 -1.46
C GLY A 158 17.32 -14.46 -1.15
N ASN A 159 16.89 -15.51 -1.85
CA ASN A 159 15.54 -16.06 -1.69
C ASN A 159 15.21 -16.56 -0.30
N ASP A 160 16.07 -17.39 0.26
CA ASP A 160 15.86 -17.95 1.60
C ASP A 160 14.48 -18.61 1.73
N GLY A 161 14.19 -19.56 0.85
CA GLY A 161 12.90 -20.23 0.84
C GLY A 161 11.99 -19.75 -0.29
N LEU A 162 11.94 -18.45 -0.48
CA LEU A 162 11.10 -17.86 -1.50
C LEU A 162 11.57 -18.28 -2.87
N CYS A 163 10.64 -18.35 -3.81
CA CYS A 163 10.94 -18.82 -5.16
C CYS A 163 12.17 -18.16 -5.79
N GLN A 164 12.20 -16.83 -5.76
CA GLN A 164 13.32 -16.05 -6.27
C GLN A 164 13.77 -15.03 -5.23
N LYS A 165 15.06 -14.73 -5.16
CA LYS A 165 15.53 -13.57 -4.42
C LYS A 165 14.97 -12.33 -5.12
N LEU A 166 14.42 -11.42 -4.32
CA LEU A 166 13.69 -10.27 -4.84
C LEU A 166 14.58 -9.37 -5.65
N SER A 167 13.97 -8.64 -6.57
CA SER A 167 14.70 -7.71 -7.43
C SER A 167 14.24 -6.25 -7.27
N VAL A 168 13.15 -5.89 -7.92
CA VAL A 168 12.64 -4.53 -7.83
C VAL A 168 11.10 -4.53 -7.77
N PRO A 169 10.52 -3.51 -7.11
CA PRO A 169 9.06 -3.36 -6.94
C PRO A 169 8.25 -3.42 -8.24
N CYS A 170 7.06 -4.03 -8.15
CA CYS A 170 6.13 -4.07 -9.28
C CYS A 170 6.05 -2.70 -9.97
N MET A 171 5.89 -2.71 -11.28
CA MET A 171 5.89 -1.49 -12.04
C MET A 171 4.49 -0.90 -12.09
#